data_9LWW
#
_entry.id   9LWW
#
_cell.length_a   47.193
_cell.length_b   48.403
_cell.length_c   75.394
_cell.angle_alpha   90.00
_cell.angle_beta   93.19
_cell.angle_gamma   90.00
#
_symmetry.space_group_name_H-M   'P 1 21 1'
#
loop_
_entity.id
_entity.type
_entity.pdbx_description
1 polymer '2-nitropropane dioxygenase'
2 non-polymer 'FLAVIN MONONUCLEOTIDE'
3 non-polymer 'IRON/SULFUR CLUSTER'
4 non-polymer N-[5-[[3-(dimethylamino)phenyl]sulfamoyl]-1,3,4-thiadiazol-2-yl]naphthalene-2-carboxamide
5 water water
#
_entity_poly.entity_id   1
_entity_poly.type   'polypeptide(L)'
_entity_poly.pdbx_seq_one_letter_code
;MVSTLKPLKIGKHTIKFPIFQGGMGVGISWDELAGNVAKEGALGVISAVGTGYYKNMRFVERIVAKKPFEALNFYSKKAL
NEIFANARKICGNNPLGANILYAINDYGRVLRDSCEAGANIIITGAGLPTNMPEFAKDFSDVALIPIISSAKALKILCKR
WSDRYKRIPDAFIVEGPLSGGHQGFKYEDCFKEEFRLENLVPKVVEASKEWGNIPIIAAGGIWDRKDIDTMLSLGASGVQ
MATRFLGTKECDAKVYADLLPTLKKEDILLIKSPVGYPARAINTGVIKRIEEGNAPKIACVSNCVAPCNRGEEAKKVGYC
IADGLGRSYLGNREEGLYFTGANGYRVDKIISVHELIKELTEG
;
_entity_poly.pdbx_strand_id   A
#
# COMPACT_ATOMS: atom_id res chain seq x y z
N MET A 1 -25.01 4.84 10.03
CA MET A 1 -25.10 6.17 9.41
C MET A 1 -24.74 7.39 10.27
N VAL A 2 -24.96 7.38 11.60
CA VAL A 2 -24.48 8.50 12.42
C VAL A 2 -23.06 8.20 12.88
N SER A 3 -22.15 9.15 12.64
CA SER A 3 -20.76 9.04 13.04
C SER A 3 -20.33 10.36 13.67
N THR A 4 -19.44 10.27 14.66
CA THR A 4 -18.78 11.44 15.22
C THR A 4 -17.41 11.67 14.61
N LEU A 5 -17.01 10.85 13.64
CA LEU A 5 -15.79 11.10 12.88
C LEU A 5 -16.06 12.21 11.87
N LYS A 6 -15.06 13.06 11.65
CA LYS A 6 -15.34 14.24 10.84
C LYS A 6 -14.67 14.13 9.48
N PRO A 7 -15.25 14.74 8.44
CA PRO A 7 -14.62 14.71 7.11
C PRO A 7 -13.19 15.20 7.15
N LEU A 8 -12.38 14.71 6.21
CA LEU A 8 -10.96 14.97 6.18
C LEU A 8 -10.56 15.58 4.84
N LYS A 9 -9.87 16.71 4.90
CA LYS A 9 -9.45 17.42 3.71
C LYS A 9 -8.00 17.04 3.39
N ILE A 10 -7.76 16.60 2.15
CA ILE A 10 -6.43 16.25 1.65
C ILE A 10 -6.20 17.08 0.40
N GLY A 11 -5.38 18.12 0.50
CA GLY A 11 -5.25 19.05 -0.62
C GLY A 11 -6.62 19.61 -0.99
N LYS A 12 -6.99 19.49 -2.26
CA LYS A 12 -8.26 19.99 -2.76
C LYS A 12 -9.39 18.99 -2.66
N HIS A 13 -9.14 17.83 -2.04
CA HIS A 13 -10.13 16.76 -1.97
C HIS A 13 -10.65 16.59 -0.55
N THR A 14 -11.87 16.09 -0.43
CA THR A 14 -12.48 15.80 0.86
C THR A 14 -12.99 14.37 0.89
N ILE A 15 -12.71 13.65 1.97
CA ILE A 15 -13.28 12.33 2.18
C ILE A 15 -14.16 12.37 3.42
N LYS A 16 -15.32 11.72 3.33
CA LYS A 16 -16.32 11.78 4.39
C LYS A 16 -15.77 11.25 5.71
N PHE A 17 -14.96 10.19 5.68
CA PHE A 17 -14.39 9.60 6.88
C PHE A 17 -12.87 9.68 6.84
N PRO A 18 -12.22 9.96 7.97
CA PRO A 18 -10.75 10.09 8.01
C PRO A 18 -10.05 8.73 7.99
N ILE A 19 -10.39 7.92 6.99
CA ILE A 19 -9.89 6.55 6.85
C ILE A 19 -9.44 6.33 5.41
N PHE A 20 -8.20 5.87 5.25
CA PHE A 20 -7.67 5.36 3.98
C PHE A 20 -7.70 3.84 4.05
N GLN A 21 -8.05 3.14 2.97
CA GLN A 21 -7.54 1.77 2.92
C GLN A 21 -6.20 1.79 2.20
N GLY A 22 -5.20 1.23 2.87
CA GLY A 22 -3.86 1.22 2.33
C GLY A 22 -3.78 0.41 1.07
N GLY A 23 -2.98 0.90 0.12
CA GLY A 23 -2.74 0.14 -1.09
C GLY A 23 -2.04 -1.16 -0.77
N MET A 24 -2.36 -2.18 -1.56
CA MET A 24 -1.84 -3.52 -1.33
C MET A 24 -1.49 -4.15 -2.67
N GLY A 25 -0.21 -4.50 -2.86
CA GLY A 25 0.21 -5.20 -4.07
C GLY A 25 0.52 -6.66 -3.78
N VAL A 26 0.47 -7.55 -4.77
CA VAL A 26 0.06 -7.25 -6.13
C VAL A 26 -1.37 -7.72 -6.37
N GLY A 27 -2.20 -6.86 -6.96
CA GLY A 27 -3.54 -7.27 -7.30
C GLY A 27 -4.46 -7.41 -6.12
N ILE A 28 -4.11 -6.82 -4.98
CA ILE A 28 -4.92 -6.96 -3.79
C ILE A 28 -5.92 -5.81 -3.67
N SER A 29 -5.46 -4.57 -3.83
CA SER A 29 -6.36 -3.42 -3.83
C SER A 29 -6.40 -2.84 -5.25
N TRP A 30 -7.27 -3.41 -6.08
CA TRP A 30 -7.60 -2.84 -7.38
C TRP A 30 -9.07 -2.36 -7.40
N ASP A 31 -9.79 -2.60 -8.51
CA ASP A 31 -11.03 -1.86 -8.73
C ASP A 31 -12.16 -2.27 -7.79
N GLU A 32 -12.32 -3.55 -7.47
CA GLU A 32 -13.43 -3.95 -6.61
C GLU A 32 -13.26 -3.41 -5.19
N LEU A 33 -12.08 -3.61 -4.61
CA LEU A 33 -11.83 -3.11 -3.26
C LEU A 33 -11.84 -1.59 -3.21
N ALA A 34 -10.98 -0.94 -4.01
CA ALA A 34 -10.87 0.52 -3.93
C ALA A 34 -12.19 1.19 -4.26
N GLY A 35 -12.87 0.71 -5.30
CA GLY A 35 -14.14 1.30 -5.68
C GLY A 35 -15.18 1.22 -4.57
N ASN A 36 -15.27 0.05 -3.91
CA ASN A 36 -16.29 -0.06 -2.88
C ASN A 36 -15.93 0.74 -1.64
N VAL A 37 -14.63 0.80 -1.31
CA VAL A 37 -14.19 1.64 -0.20
C VAL A 37 -14.58 3.10 -0.45
N ALA A 38 -14.27 3.62 -1.64
CA ALA A 38 -14.57 5.03 -1.90
C ALA A 38 -16.07 5.27 -1.93
N LYS A 39 -16.84 4.29 -2.43
CA LYS A 39 -18.30 4.35 -2.36
C LYS A 39 -18.77 4.56 -0.93
N GLU A 40 -18.05 4.01 0.05
CA GLU A 40 -18.45 4.13 1.45
C GLU A 40 -18.06 5.45 2.08
N GLY A 41 -17.26 6.28 1.42
CA GLY A 41 -16.87 7.55 2.00
C GLY A 41 -15.48 7.58 2.59
N ALA A 42 -14.73 6.49 2.52
CA ALA A 42 -13.33 6.49 2.87
C ALA A 42 -12.49 6.62 1.59
N LEU A 43 -11.18 6.78 1.75
CA LEU A 43 -10.30 6.84 0.59
C LEU A 43 -10.01 5.42 0.10
N GLY A 44 -10.52 5.08 -1.08
CA GLY A 44 -10.05 3.88 -1.76
C GLY A 44 -8.72 4.16 -2.45
N VAL A 45 -7.80 3.19 -2.37
CA VAL A 45 -6.45 3.35 -2.92
C VAL A 45 -6.17 2.18 -3.86
N ILE A 46 -5.86 2.50 -5.11
CA ILE A 46 -5.51 1.50 -6.10
C ILE A 46 -4.01 1.30 -6.11
N SER A 47 -3.56 0.04 -6.02
CA SER A 47 -2.14 -0.28 -6.10
C SER A 47 -1.69 -0.29 -7.56
N ALA A 48 -0.69 0.55 -7.87
CA ALA A 48 -0.14 0.66 -9.21
C ALA A 48 0.97 -0.35 -9.49
N VAL A 49 1.27 -1.23 -8.53
CA VAL A 49 2.39 -2.17 -8.64
C VAL A 49 1.92 -3.47 -9.29
N GLY A 50 2.60 -3.87 -10.35
CA GLY A 50 2.29 -5.15 -10.97
C GLY A 50 0.96 -5.21 -11.66
N THR A 51 0.48 -4.07 -12.15
CA THR A 51 -0.78 -4.01 -12.87
C THR A 51 -0.76 -4.82 -14.14
N GLY A 52 0.43 -5.20 -14.63
CA GLY A 52 0.51 -6.09 -15.77
C GLY A 52 -0.18 -7.43 -15.54
N TYR A 53 -0.24 -7.87 -14.28
CA TYR A 53 -0.92 -9.13 -13.95
C TYR A 53 -2.44 -9.03 -14.04
N TYR A 54 -2.99 -7.81 -14.10
CA TYR A 54 -4.44 -7.62 -14.09
C TYR A 54 -5.12 -8.45 -15.16
N LYS A 55 -6.08 -9.27 -14.73
CA LYS A 55 -6.87 -10.11 -15.63
C LYS A 55 -5.94 -10.99 -16.49
N ASN A 56 -4.92 -11.52 -15.84
CA ASN A 56 -3.93 -12.42 -16.42
C ASN A 56 -3.37 -11.85 -17.72
N MET A 57 -2.80 -10.65 -17.58
CA MET A 57 -1.93 -10.04 -18.58
C MET A 57 -2.75 -9.59 -19.77
N ARG A 58 -3.99 -9.23 -19.49
CA ARG A 58 -4.87 -8.60 -20.46
C ARG A 58 -4.14 -7.49 -21.22
N PHE A 59 -3.43 -6.63 -20.49
CA PHE A 59 -2.84 -5.42 -21.05
C PHE A 59 -1.34 -5.43 -20.94
N VAL A 60 -0.69 -6.44 -21.50
CA VAL A 60 0.77 -6.40 -21.62
C VAL A 60 1.13 -6.72 -23.06
N GLU A 61 2.23 -6.13 -23.51
CA GLU A 61 2.67 -6.30 -24.89
C GLU A 61 3.51 -7.56 -25.07
N ARG A 62 4.20 -8.00 -24.03
CA ARG A 62 5.05 -9.18 -24.13
C ARG A 62 5.01 -9.95 -22.82
N ILE A 63 4.90 -11.27 -22.94
CA ILE A 63 4.91 -12.20 -21.81
C ILE A 63 6.07 -13.16 -22.00
N VAL A 64 6.83 -13.40 -20.94
CA VAL A 64 7.84 -14.45 -20.92
C VAL A 64 7.56 -15.32 -19.70
N ALA A 65 7.39 -16.62 -19.92
CA ALA A 65 7.23 -17.59 -18.83
C ALA A 65 6.07 -17.19 -17.92
N LYS A 66 4.99 -16.72 -18.54
CA LYS A 66 3.76 -16.34 -17.86
C LYS A 66 3.97 -15.12 -16.95
N LYS A 67 4.96 -14.29 -17.27
CA LYS A 67 5.26 -13.10 -16.50
C LYS A 67 5.27 -11.88 -17.41
N PRO A 68 4.89 -10.70 -16.91
CA PRO A 68 4.98 -9.50 -17.75
C PRO A 68 6.44 -9.15 -18.00
N PHE A 69 6.77 -8.97 -19.27
CA PHE A 69 8.13 -8.65 -19.69
C PHE A 69 8.46 -7.20 -19.39
N GLU A 70 9.47 -6.99 -18.53
CA GLU A 70 10.05 -5.68 -18.23
C GLU A 70 9.08 -4.72 -17.55
N ALA A 71 9.60 -3.59 -17.07
CA ALA A 71 8.82 -2.73 -16.20
C ALA A 71 7.68 -2.03 -16.93
N LEU A 72 7.84 -1.80 -18.23
CA LEU A 72 6.75 -1.17 -18.97
C LEU A 72 5.50 -2.04 -18.99
N ASN A 73 5.66 -3.36 -18.91
CA ASN A 73 4.51 -4.24 -18.82
C ASN A 73 4.16 -4.62 -17.39
N PHE A 74 5.15 -4.70 -16.48
CA PHE A 74 4.81 -4.96 -15.09
C PHE A 74 3.99 -3.83 -14.50
N TYR A 75 4.39 -2.59 -14.77
CA TYR A 75 3.62 -1.38 -14.42
C TYR A 75 2.89 -0.94 -15.68
N SER A 76 1.71 -1.51 -15.90
CA SER A 76 1.01 -1.39 -17.18
C SER A 76 0.04 -0.22 -17.17
N LYS A 77 0.27 0.74 -18.06
CA LYS A 77 -0.53 1.95 -18.12
C LYS A 77 -1.98 1.64 -18.49
N LYS A 78 -2.19 0.74 -19.47
CA LYS A 78 -3.55 0.43 -19.90
C LYS A 78 -4.31 -0.33 -18.82
N ALA A 79 -3.62 -1.24 -18.13
CA ALA A 79 -4.25 -1.92 -17.00
C ALA A 79 -4.66 -0.92 -15.92
N LEU A 80 -3.75 -0.04 -15.54
CA LEU A 80 -4.06 0.99 -14.54
C LEU A 80 -5.28 1.81 -14.96
N ASN A 81 -5.34 2.18 -16.25
CA ASN A 81 -6.47 2.94 -16.76
C ASN A 81 -7.77 2.17 -16.58
N GLU A 82 -7.76 0.88 -16.90
CA GLU A 82 -8.99 0.12 -16.76
C GLU A 82 -9.37 -0.11 -15.31
N ILE A 83 -8.38 -0.25 -14.42
CA ILE A 83 -8.67 -0.43 -13.00
C ILE A 83 -9.35 0.81 -12.44
N PHE A 84 -8.78 2.01 -12.66
CA PHE A 84 -9.51 3.24 -12.33
C PHE A 84 -10.89 3.36 -12.95
N ALA A 85 -11.03 3.09 -14.25
CA ALA A 85 -12.36 3.20 -14.86
C ALA A 85 -13.36 2.29 -14.17
N ASN A 86 -12.97 1.03 -13.92
CA ASN A 86 -13.85 0.07 -13.28
C ASN A 86 -14.17 0.47 -11.85
N ALA A 87 -13.19 1.03 -11.13
CA ALA A 87 -13.46 1.53 -9.79
C ALA A 87 -14.49 2.66 -9.82
N ARG A 88 -14.39 3.55 -10.80
CA ARG A 88 -15.31 4.68 -10.83
C ARG A 88 -16.70 4.27 -11.30
N LYS A 89 -16.83 3.11 -11.96
CA LYS A 89 -18.15 2.55 -12.19
C LYS A 89 -18.89 2.32 -10.87
N ILE A 90 -18.16 2.14 -9.78
CA ILE A 90 -18.72 1.92 -8.46
C ILE A 90 -18.79 3.21 -7.64
N CYS A 91 -17.68 3.94 -7.54
CA CYS A 91 -17.62 5.07 -6.63
C CYS A 91 -17.81 6.42 -7.31
N GLY A 92 -17.96 6.45 -8.62
CA GLY A 92 -18.11 7.71 -9.32
C GLY A 92 -16.88 8.59 -9.17
N ASN A 93 -17.12 9.87 -8.91
CA ASN A 93 -16.04 10.82 -8.74
C ASN A 93 -15.59 10.96 -7.29
N ASN A 94 -16.01 10.05 -6.41
CA ASN A 94 -15.47 10.02 -5.06
C ASN A 94 -13.96 9.85 -5.12
N PRO A 95 -13.20 10.46 -4.20
CA PRO A 95 -11.74 10.44 -4.32
C PRO A 95 -11.14 9.03 -4.28
N LEU A 96 -10.11 8.85 -5.09
CA LEU A 96 -9.33 7.63 -5.19
C LEU A 96 -7.86 7.99 -5.20
N GLY A 97 -7.07 7.15 -4.56
CA GLY A 97 -5.65 7.30 -4.57
C GLY A 97 -4.99 6.22 -5.40
N ALA A 98 -3.74 6.47 -5.77
CA ALA A 98 -2.88 5.50 -6.42
C ALA A 98 -1.63 5.38 -5.56
N ASN A 99 -1.31 4.14 -5.18
CA ASN A 99 -0.12 3.84 -4.40
C ASN A 99 0.99 3.38 -5.33
N ILE A 100 2.13 4.07 -5.28
CA ILE A 100 3.28 3.66 -6.07
C ILE A 100 4.55 3.80 -5.25
N LEU A 101 5.29 2.70 -5.16
CA LEU A 101 6.52 2.66 -4.39
C LEU A 101 7.59 3.51 -5.09
N TYR A 102 8.55 3.99 -4.31
CA TYR A 102 9.56 4.89 -4.87
C TYR A 102 10.72 4.17 -5.52
N ALA A 103 11.01 2.93 -5.11
CA ALA A 103 12.24 2.21 -5.47
C ALA A 103 12.19 1.59 -6.86
N ILE A 104 11.65 2.35 -7.81
CA ILE A 104 11.76 2.08 -9.24
C ILE A 104 12.22 3.40 -9.83
N ASN A 105 13.06 3.22 -10.86
CA ASN A 105 13.75 4.26 -11.68
C ASN A 105 12.69 4.92 -12.59
N ASP A 106 11.78 4.11 -13.03
CA ASP A 106 10.59 4.47 -13.80
C ASP A 106 9.54 5.17 -12.94
N TYR A 107 9.93 5.70 -11.79
CA TYR A 107 8.94 6.23 -10.85
C TYR A 107 8.07 7.29 -11.51
N GLY A 108 8.69 8.25 -12.22
CA GLY A 108 7.93 9.34 -12.79
C GLY A 108 6.93 8.88 -13.84
N ARG A 109 7.31 7.86 -14.61
CA ARG A 109 6.38 7.32 -15.60
C ARG A 109 5.13 6.77 -14.93
N VAL A 110 5.29 6.00 -13.85
CA VAL A 110 4.12 5.41 -13.21
C VAL A 110 3.30 6.49 -12.48
N LEU A 111 3.96 7.52 -11.94
CA LEU A 111 3.21 8.61 -11.33
C LEU A 111 2.36 9.34 -12.37
N ARG A 112 2.96 9.71 -13.51
CA ARG A 112 2.12 10.33 -14.54
C ARG A 112 1.04 9.38 -15.04
N ASP A 113 1.33 8.09 -15.15
CA ASP A 113 0.29 7.12 -15.52
C ASP A 113 -0.88 7.18 -14.56
N SER A 114 -0.59 7.21 -13.26
CA SER A 114 -1.64 7.27 -12.25
C SER A 114 -2.44 8.56 -12.38
N CYS A 115 -1.75 9.68 -12.60
CA CYS A 115 -2.46 10.94 -12.81
C CYS A 115 -3.37 10.86 -14.03
N GLU A 116 -2.84 10.36 -15.15
CA GLU A 116 -3.61 10.29 -16.38
C GLU A 116 -4.75 9.28 -16.27
N ALA A 117 -4.61 8.30 -15.37
CA ALA A 117 -5.67 7.32 -15.14
C ALA A 117 -6.81 7.90 -14.33
N GLY A 118 -6.60 9.03 -13.68
CA GLY A 118 -7.65 9.71 -12.94
C GLY A 118 -7.49 9.70 -11.43
N ALA A 119 -6.32 9.32 -10.93
CA ALA A 119 -6.07 9.37 -9.49
C ALA A 119 -6.20 10.79 -8.97
N ASN A 120 -6.82 10.93 -7.79
CA ASN A 120 -6.90 12.22 -7.12
C ASN A 120 -5.78 12.42 -6.13
N ILE A 121 -5.20 11.31 -5.67
CA ILE A 121 -4.13 11.34 -4.67
C ILE A 121 -3.08 10.33 -5.09
N ILE A 122 -1.80 10.69 -4.93
CA ILE A 122 -0.67 9.75 -5.06
C ILE A 122 -0.06 9.53 -3.69
N ILE A 123 0.16 8.25 -3.35
CA ILE A 123 0.76 7.83 -2.09
C ILE A 123 2.03 7.05 -2.41
N THR A 124 3.15 7.41 -1.79
CA THR A 124 4.41 6.76 -2.12
C THR A 124 5.28 6.52 -0.89
N GLY A 125 5.66 5.27 -0.69
CA GLY A 125 6.64 4.89 0.32
C GLY A 125 7.76 4.08 -0.31
N ALA A 126 8.24 3.11 0.45
CA ALA A 126 9.37 2.27 0.05
C ALA A 126 10.52 3.13 -0.44
N GLY A 127 10.85 4.14 0.33
CA GLY A 127 11.88 5.08 -0.03
C GLY A 127 11.57 6.47 0.48
N LEU A 128 12.33 7.44 0.00
CA LEU A 128 12.24 8.83 0.43
C LEU A 128 11.93 9.67 -0.79
N PRO A 129 10.65 9.95 -1.08
CA PRO A 129 10.24 10.50 -2.38
C PRO A 129 10.33 12.03 -2.45
N THR A 130 11.55 12.51 -2.66
CA THR A 130 11.83 13.94 -2.58
C THR A 130 11.45 14.69 -3.85
N ASN A 131 10.92 14.01 -4.87
CA ASN A 131 10.69 14.67 -6.14
C ASN A 131 9.32 14.33 -6.73
N MET A 132 8.34 13.99 -5.88
CA MET A 132 6.99 13.73 -6.38
C MET A 132 6.44 14.88 -7.23
N PRO A 133 6.57 16.15 -6.84
CA PRO A 133 6.01 17.22 -7.68
C PRO A 133 6.66 17.37 -9.05
N GLU A 134 7.90 16.91 -9.24
CA GLU A 134 8.54 16.92 -10.55
C GLU A 134 7.65 16.33 -11.63
N PHE A 135 6.99 15.23 -11.32
CA PHE A 135 6.24 14.46 -12.31
C PHE A 135 4.77 14.82 -12.35
N ALA A 136 4.29 15.62 -11.39
CA ALA A 136 2.88 15.92 -11.26
C ALA A 136 2.52 17.33 -11.70
N LYS A 137 3.47 18.11 -12.20
CA LYS A 137 3.17 19.52 -12.44
C LYS A 137 2.11 19.72 -13.51
N ASP A 138 1.88 18.74 -14.37
CA ASP A 138 0.79 18.81 -15.34
C ASP A 138 -0.57 18.54 -14.72
N PHE A 139 -0.64 18.16 -13.45
CA PHE A 139 -1.88 17.77 -12.78
C PHE A 139 -1.94 18.48 -11.43
N SER A 140 -2.32 19.76 -11.48
CA SER A 140 -2.22 20.66 -10.34
C SER A 140 -3.08 20.21 -9.16
N ASP A 141 -4.11 19.41 -9.39
CA ASP A 141 -5.04 19.07 -8.33
C ASP A 141 -4.74 17.75 -7.62
N VAL A 142 -3.82 16.95 -8.15
CA VAL A 142 -3.52 15.66 -7.54
C VAL A 142 -2.73 15.89 -6.25
N ALA A 143 -3.26 15.41 -5.12
CA ALA A 143 -2.59 15.56 -3.85
C ALA A 143 -1.45 14.55 -3.77
N LEU A 144 -0.40 14.90 -3.03
CA LEU A 144 0.83 14.10 -2.96
C LEU A 144 1.13 13.77 -1.51
N ILE A 145 1.25 12.47 -1.21
CA ILE A 145 1.40 11.97 0.16
C ILE A 145 2.58 11.01 0.24
N PRO A 146 3.68 11.41 0.87
CA PRO A 146 4.72 10.45 1.22
C PRO A 146 4.33 9.61 2.43
N ILE A 147 4.83 8.37 2.43
CA ILE A 147 4.84 7.50 3.59
C ILE A 147 6.21 7.58 4.23
N ILE A 148 6.24 7.79 5.54
CA ILE A 148 7.47 7.98 6.29
C ILE A 148 7.45 7.07 7.51
N SER A 149 8.65 6.92 8.09
CA SER A 149 8.86 6.10 9.28
C SER A 149 9.25 6.90 10.50
N SER A 150 9.44 8.22 10.36
CA SER A 150 10.06 9.03 11.39
C SER A 150 9.83 10.51 11.11
N ALA A 151 9.93 11.30 12.17
CA ALA A 151 9.85 12.76 12.04
C ALA A 151 11.00 13.33 11.21
N LYS A 152 12.18 12.73 11.31
CA LYS A 152 13.32 13.21 10.53
C LYS A 152 13.01 13.20 9.03
N ALA A 153 12.36 12.13 8.56
CA ALA A 153 11.97 12.05 7.16
C ALA A 153 10.97 13.14 6.80
N LEU A 154 10.04 13.45 7.71
CA LEU A 154 9.09 14.53 7.45
C LEU A 154 9.83 15.85 7.23
N LYS A 155 10.80 16.14 8.10
CA LYS A 155 11.51 17.42 7.99
C LYS A 155 12.32 17.51 6.70
N ILE A 156 13.04 16.43 6.34
CA ILE A 156 13.79 16.44 5.08
C ILE A 156 12.86 16.57 3.89
N LEU A 157 11.78 15.79 3.85
CA LEU A 157 10.88 15.86 2.71
C LEU A 157 10.33 17.26 2.54
N CYS A 158 9.91 17.89 3.65
CA CYS A 158 9.33 19.23 3.56
C CYS A 158 10.37 20.24 3.06
N LYS A 159 11.60 20.15 3.56
CA LYS A 159 12.61 21.12 3.12
C LYS A 159 12.98 20.92 1.65
N ARG A 160 13.20 19.68 1.23
CA ARG A 160 13.59 19.46 -0.15
C ARG A 160 12.49 19.91 -1.11
N TRP A 161 11.24 19.54 -0.80
CA TRP A 161 10.11 19.96 -1.63
C TRP A 161 9.95 21.48 -1.65
N SER A 162 10.01 22.11 -0.49
CA SER A 162 9.81 23.56 -0.41
C SER A 162 10.87 24.29 -1.23
N ASP A 163 12.14 23.90 -1.04
CA ASP A 163 13.23 24.58 -1.75
C ASP A 163 13.14 24.37 -3.25
N ARG A 164 12.77 23.17 -3.71
CA ARG A 164 12.84 22.90 -5.14
C ARG A 164 11.56 23.28 -5.90
N TYR A 165 10.39 23.09 -5.29
CA TYR A 165 9.12 23.23 -6.00
C TYR A 165 8.22 24.31 -5.44
N LYS A 166 8.59 24.96 -4.33
CA LYS A 166 7.72 25.88 -3.62
C LYS A 166 6.38 25.24 -3.28
N ARG A 167 6.43 23.94 -2.97
CA ARG A 167 5.27 23.15 -2.55
C ARG A 167 5.71 22.19 -1.46
N ILE A 168 4.81 21.90 -0.52
CA ILE A 168 5.07 20.87 0.49
C ILE A 168 4.04 19.77 0.36
N PRO A 169 4.24 18.60 0.96
CA PRO A 169 3.25 17.52 0.84
C PRO A 169 1.87 17.91 1.37
N ASP A 170 0.86 17.26 0.80
CA ASP A 170 -0.53 17.47 1.21
C ASP A 170 -0.87 16.71 2.47
N ALA A 171 -0.11 15.68 2.79
CA ALA A 171 -0.28 14.90 4.01
C ALA A 171 0.92 13.98 4.11
N PHE A 172 1.08 13.39 5.29
CA PHE A 172 2.08 12.36 5.50
C PHE A 172 1.39 11.16 6.12
N ILE A 173 1.73 9.96 5.65
CA ILE A 173 1.37 8.73 6.35
C ILE A 173 2.59 8.26 7.12
N VAL A 174 2.47 8.11 8.43
CA VAL A 174 3.52 7.48 9.22
C VAL A 174 3.13 6.03 9.42
N GLU A 175 4.00 5.11 8.99
CA GLU A 175 3.67 3.68 9.08
C GLU A 175 4.59 3.02 10.11
N GLY A 176 3.99 2.27 11.03
CA GLY A 176 4.72 1.61 12.08
C GLY A 176 4.99 0.14 11.79
N PRO A 177 5.70 -0.53 12.71
CA PRO A 177 6.26 -1.86 12.41
C PRO A 177 5.28 -3.00 12.55
N LEU A 178 4.01 -2.73 12.85
CA LEU A 178 2.99 -3.77 12.87
C LEU A 178 2.28 -3.90 11.53
N SER A 179 2.77 -3.22 10.50
CA SER A 179 2.06 -3.09 9.24
C SER A 179 2.19 -4.34 8.37
N GLY A 180 1.37 -4.39 7.32
CA GLY A 180 1.53 -5.39 6.28
C GLY A 180 2.53 -4.96 5.23
N GLY A 181 2.92 -5.91 4.39
CA GLY A 181 3.89 -5.62 3.36
C GLY A 181 5.25 -5.37 3.98
N HIS A 182 5.97 -4.40 3.42
CA HIS A 182 7.31 -4.07 3.86
C HIS A 182 7.26 -3.11 5.05
N GLN A 183 8.34 -3.10 5.82
CA GLN A 183 8.48 -2.29 7.03
C GLN A 183 9.56 -1.25 6.82
N GLY A 184 9.30 -0.01 7.25
CA GLY A 184 10.31 1.03 7.18
C GLY A 184 11.29 1.00 8.33
N PHE A 185 11.56 -0.19 8.85
CA PHE A 185 12.45 -0.36 9.99
C PHE A 185 13.36 -1.56 9.75
N LYS A 186 14.59 -1.46 10.27
CA LYS A 186 15.44 -2.63 10.46
C LYS A 186 14.70 -3.70 11.25
N TYR A 187 14.95 -4.97 10.90
CA TYR A 187 14.32 -6.11 11.56
C TYR A 187 14.37 -5.96 13.08
N GLU A 188 15.56 -5.85 13.66
CA GLU A 188 15.60 -5.60 15.10
C GLU A 188 14.82 -4.37 15.54
N ASP A 189 14.67 -3.35 14.71
CA ASP A 189 13.92 -2.26 15.26
C ASP A 189 12.43 -2.51 15.27
N CYS A 190 11.94 -3.54 14.57
CA CYS A 190 10.49 -3.75 14.49
C CYS A 190 9.88 -4.15 15.84
N PHE A 191 10.67 -4.76 16.72
CA PHE A 191 10.17 -5.24 18.01
C PHE A 191 10.42 -4.26 19.14
N LYS A 192 11.06 -3.12 18.90
CA LYS A 192 11.42 -2.22 19.98
C LYS A 192 10.31 -1.19 20.24
N GLU A 193 10.07 -0.94 21.54
CA GLU A 193 8.94 -0.10 21.94
C GLU A 193 9.07 1.33 21.46
N GLU A 194 10.30 1.78 21.18
CA GLU A 194 10.53 3.18 20.80
C GLU A 194 9.89 3.48 19.45
N PHE A 195 9.66 2.45 18.65
CA PHE A 195 9.14 2.59 17.31
C PHE A 195 7.68 2.16 17.19
N ARG A 196 7.03 1.83 18.32
CA ARG A 196 5.59 1.60 18.29
C ARG A 196 4.88 2.85 17.76
N LEU A 197 3.81 2.60 17.00
CA LEU A 197 3.11 3.68 16.29
C LEU A 197 2.62 4.77 17.24
N GLU A 198 2.14 4.38 18.43
CA GLU A 198 1.73 5.36 19.44
C GLU A 198 2.87 6.28 19.86
N ASN A 199 4.11 5.85 19.70
CA ASN A 199 5.24 6.70 20.01
C ASN A 199 5.66 7.54 18.83
N LEU A 200 5.46 7.04 17.61
CA LEU A 200 5.87 7.77 16.41
C LEU A 200 4.92 8.90 16.09
N VAL A 201 3.60 8.68 16.26
CA VAL A 201 2.63 9.71 15.84
C VAL A 201 2.85 11.03 16.56
N PRO A 202 3.00 11.10 17.88
CA PRO A 202 3.26 12.40 18.53
C PRO A 202 4.46 13.14 17.95
N LYS A 203 5.55 12.43 17.67
CA LYS A 203 6.77 13.07 17.17
C LYS A 203 6.56 13.65 15.78
N VAL A 204 5.87 12.90 14.91
CA VAL A 204 5.61 13.36 13.55
C VAL A 204 4.65 14.56 13.57
N VAL A 205 3.64 14.53 14.45
CA VAL A 205 2.70 15.65 14.52
C VAL A 205 3.41 16.92 15.00
N GLU A 206 4.25 16.77 16.03
CA GLU A 206 5.05 17.89 16.50
C GLU A 206 5.95 18.43 15.41
N ALA A 207 6.65 17.55 14.67
CA ALA A 207 7.44 18.00 13.53
C ALA A 207 6.59 18.73 12.50
N SER A 208 5.33 18.32 12.33
CA SER A 208 4.45 18.91 11.32
C SER A 208 4.04 20.33 11.66
N LYS A 209 4.00 20.66 12.95
CA LYS A 209 3.65 22.02 13.37
C LYS A 209 4.44 23.08 12.60
N GLU A 210 5.75 22.87 12.43
CA GLU A 210 6.61 23.89 11.82
C GLU A 210 6.23 24.22 10.37
N TRP A 211 5.58 23.29 9.67
CA TRP A 211 5.20 23.50 8.28
C TRP A 211 3.71 23.73 8.12
N GLY A 212 3.00 24.07 9.18
CA GLY A 212 1.60 24.44 9.06
C GLY A 212 0.61 23.32 9.28
N ASN A 213 0.94 22.32 10.10
CA ASN A 213 -0.02 21.28 10.48
C ASN A 213 -0.54 20.50 9.28
N ILE A 214 0.38 20.05 8.45
CA ILE A 214 0.09 19.06 7.42
C ILE A 214 -0.59 17.89 8.10
N PRO A 215 -1.70 17.37 7.58
CA PRO A 215 -2.37 16.25 8.24
C PRO A 215 -1.47 15.01 8.25
N ILE A 216 -1.49 14.32 9.39
CA ILE A 216 -0.73 13.09 9.61
C ILE A 216 -1.71 11.93 9.69
N ILE A 217 -1.45 10.88 8.92
CA ILE A 217 -2.27 9.68 8.85
C ILE A 217 -1.48 8.55 9.49
N ALA A 218 -2.04 7.94 10.54
CA ALA A 218 -1.37 6.86 11.24
C ALA A 218 -1.68 5.53 10.60
N ALA A 219 -0.66 4.68 10.45
CA ALA A 219 -0.87 3.38 9.81
C ALA A 219 -0.05 2.30 10.48
N GLY A 220 -0.63 1.11 10.64
CA GLY A 220 0.09 -0.05 11.11
C GLY A 220 -0.39 -0.60 12.44
N GLY A 221 -1.15 -1.69 12.40
CA GLY A 221 -1.70 -2.30 13.60
C GLY A 221 -3.03 -1.74 14.06
N ILE A 222 -3.63 -0.83 13.31
CA ILE A 222 -4.92 -0.23 13.65
C ILE A 222 -6.02 -1.21 13.25
N TRP A 223 -6.79 -1.69 14.23
CA TRP A 223 -7.75 -2.76 14.00
C TRP A 223 -9.20 -2.29 14.01
N ASP A 224 -9.59 -1.49 14.99
CA ASP A 224 -10.99 -1.15 15.23
C ASP A 224 -11.13 0.32 15.60
N ARG A 225 -12.36 0.71 15.92
CA ARG A 225 -12.63 2.13 16.21
C ARG A 225 -11.84 2.61 17.43
N LYS A 226 -11.63 1.74 18.42
CA LYS A 226 -10.83 2.14 19.58
C LYS A 226 -9.41 2.54 19.19
N ASP A 227 -8.78 1.78 18.29
CA ASP A 227 -7.43 2.13 17.82
C ASP A 227 -7.46 3.41 17.00
N ILE A 228 -8.51 3.61 16.19
CA ILE A 228 -8.68 4.87 15.46
C ILE A 228 -8.71 6.03 16.43
N ASP A 229 -9.56 5.93 17.45
CA ASP A 229 -9.68 7.02 18.43
C ASP A 229 -8.37 7.26 19.15
N THR A 230 -7.63 6.20 19.48
CA THR A 230 -6.31 6.37 20.08
C THR A 230 -5.41 7.21 19.19
N MET A 231 -5.34 6.87 17.90
CA MET A 231 -4.43 7.61 17.01
C MET A 231 -4.89 9.05 16.81
N LEU A 232 -6.21 9.27 16.69
CA LEU A 232 -6.70 10.64 16.55
C LEU A 232 -6.38 11.47 17.79
N SER A 233 -6.50 10.86 18.97
CA SER A 233 -6.22 11.57 20.21
C SER A 233 -4.75 11.92 20.37
N LEU A 234 -3.86 11.26 19.61
CA LEU A 234 -2.44 11.52 19.66
C LEU A 234 -2.01 12.58 18.66
N GLY A 235 -2.94 13.15 17.90
CA GLY A 235 -2.63 14.20 16.96
C GLY A 235 -2.84 13.84 15.50
N ALA A 236 -2.98 12.56 15.18
CA ALA A 236 -3.23 12.15 13.82
C ALA A 236 -4.56 12.72 13.33
N SER A 237 -4.60 13.11 12.06
CA SER A 237 -5.82 13.58 11.41
C SER A 237 -6.65 12.45 10.84
N GLY A 238 -6.06 11.27 10.68
CA GLY A 238 -6.79 10.14 10.16
C GLY A 238 -5.92 8.89 10.28
N VAL A 239 -6.46 7.80 9.74
CA VAL A 239 -5.81 6.50 9.80
C VAL A 239 -5.77 5.89 8.41
N GLN A 240 -4.78 5.03 8.18
CA GLN A 240 -4.74 4.17 7.00
C GLN A 240 -4.74 2.72 7.48
N MET A 241 -5.70 1.93 7.00
CA MET A 241 -5.84 0.56 7.45
C MET A 241 -5.82 -0.35 6.23
N ALA A 242 -5.20 -1.53 6.35
CA ALA A 242 -5.14 -2.44 5.21
C ALA A 242 -5.60 -3.84 5.57
N THR A 243 -5.09 -4.39 6.68
CA THR A 243 -5.38 -5.78 7.01
C THR A 243 -6.88 -6.02 7.16
N ARG A 244 -7.63 -5.07 7.76
CA ARG A 244 -9.08 -5.25 7.83
C ARG A 244 -9.69 -5.38 6.44
N PHE A 245 -9.23 -4.57 5.48
CA PHE A 245 -9.76 -4.64 4.11
C PHE A 245 -9.25 -5.87 3.37
N LEU A 246 -8.05 -6.34 3.71
CA LEU A 246 -7.60 -7.64 3.21
C LEU A 246 -8.60 -8.74 3.54
N GLY A 247 -9.33 -8.60 4.65
CA GLY A 247 -10.33 -9.58 5.01
C GLY A 247 -11.76 -9.23 4.64
N THR A 248 -11.95 -8.52 3.53
CA THR A 248 -13.29 -8.23 3.04
C THR A 248 -13.55 -8.96 1.72
N LYS A 249 -14.84 -9.12 1.42
CA LYS A 249 -15.23 -9.87 0.23
C LYS A 249 -14.72 -9.21 -1.04
N GLU A 250 -14.66 -7.87 -1.04
CA GLU A 250 -14.35 -7.11 -2.24
C GLU A 250 -12.86 -7.06 -2.57
N CYS A 251 -12.00 -7.60 -1.70
CA CYS A 251 -10.59 -7.76 -2.02
C CYS A 251 -10.40 -8.39 -3.39
N ASP A 252 -9.51 -7.79 -4.19
CA ASP A 252 -9.32 -8.25 -5.56
C ASP A 252 -8.46 -9.51 -5.66
N ALA A 253 -7.79 -9.88 -4.58
CA ALA A 253 -7.03 -11.13 -4.52
C ALA A 253 -7.89 -12.13 -3.75
N LYS A 254 -8.63 -12.96 -4.49
CA LYS A 254 -9.68 -13.75 -3.87
C LYS A 254 -9.14 -14.84 -2.94
N VAL A 255 -7.87 -15.22 -3.10
CA VAL A 255 -7.25 -16.22 -2.24
C VAL A 255 -7.34 -15.83 -0.77
N TYR A 256 -7.25 -14.53 -0.47
CA TYR A 256 -7.19 -14.14 0.94
C TYR A 256 -8.48 -14.53 1.66
N ALA A 257 -9.60 -14.55 0.93
CA ALA A 257 -10.86 -14.90 1.59
C ALA A 257 -10.87 -16.33 2.10
N ASP A 258 -10.04 -17.19 1.52
CA ASP A 258 -9.91 -18.56 2.00
C ASP A 258 -8.73 -18.73 2.95
N LEU A 259 -7.74 -17.86 2.88
CA LEU A 259 -6.51 -18.10 3.62
C LEU A 259 -6.58 -17.52 5.02
N LEU A 260 -7.14 -16.31 5.14
CA LEU A 260 -7.13 -15.56 6.38
C LEU A 260 -7.93 -16.20 7.51
N PRO A 261 -9.14 -16.71 7.26
CA PRO A 261 -9.90 -17.28 8.39
C PRO A 261 -9.22 -18.47 9.05
N THR A 262 -8.24 -19.10 8.38
CA THR A 262 -7.44 -20.16 8.97
C THR A 262 -6.13 -19.67 9.58
N LEU A 263 -5.76 -18.40 9.39
CA LEU A 263 -4.42 -17.92 9.71
C LEU A 263 -4.14 -17.89 11.20
N LYS A 264 -3.05 -18.53 11.60
CA LYS A 264 -2.57 -18.57 12.98
C LYS A 264 -1.44 -17.57 13.18
N LYS A 265 -1.39 -16.98 14.38
CA LYS A 265 -0.37 -15.98 14.70
C LYS A 265 1.03 -16.52 14.49
N GLU A 266 1.27 -17.77 14.88
CA GLU A 266 2.60 -18.33 14.75
C GLU A 266 3.02 -18.53 13.30
N ASP A 267 2.11 -18.35 12.34
CA ASP A 267 2.43 -18.47 10.92
C ASP A 267 2.60 -17.11 10.25
N ILE A 268 2.76 -16.04 11.02
CA ILE A 268 3.09 -14.71 10.50
C ILE A 268 4.53 -14.42 10.89
N LEU A 269 5.33 -13.93 9.94
CA LEU A 269 6.72 -13.69 10.26
C LEU A 269 7.30 -12.62 9.34
N LEU A 270 8.39 -12.01 9.78
CA LEU A 270 9.14 -11.07 8.96
C LEU A 270 10.22 -11.83 8.20
N ILE A 271 10.32 -11.58 6.89
CA ILE A 271 11.27 -12.24 6.02
C ILE A 271 12.07 -11.16 5.28
N LYS A 272 13.11 -11.63 4.58
CA LYS A 272 13.88 -10.77 3.71
C LYS A 272 13.15 -10.59 2.38
N SER A 273 13.48 -9.50 1.69
CA SER A 273 12.80 -9.11 0.48
C SER A 273 13.79 -8.56 -0.53
N PRO A 274 13.58 -8.83 -1.82
CA PRO A 274 14.43 -8.19 -2.83
C PRO A 274 14.34 -6.69 -2.85
N VAL A 275 13.27 -6.13 -2.29
CA VAL A 275 13.10 -4.69 -2.24
C VAL A 275 14.08 -4.06 -1.25
N GLY A 276 14.57 -4.82 -0.27
CA GLY A 276 15.54 -4.30 0.66
C GLY A 276 14.98 -3.77 1.96
N TYR A 277 13.71 -4.08 2.27
CA TYR A 277 13.13 -3.84 3.57
C TYR A 277 12.47 -5.12 4.05
N PRO A 278 12.41 -5.35 5.36
CA PRO A 278 11.71 -6.54 5.86
C PRO A 278 10.27 -6.55 5.38
N ALA A 279 9.79 -7.74 5.01
CA ALA A 279 8.40 -7.90 4.63
C ALA A 279 7.71 -8.85 5.60
N ARG A 280 6.47 -8.54 5.96
CA ARG A 280 5.69 -9.39 6.86
C ARG A 280 4.84 -10.31 6.00
N ALA A 281 5.14 -11.61 6.06
CA ALA A 281 4.51 -12.60 5.21
C ALA A 281 3.79 -13.65 6.04
N ILE A 282 2.97 -14.41 5.34
CA ILE A 282 2.38 -15.63 5.86
C ILE A 282 3.29 -16.80 5.49
N ASN A 283 3.52 -17.70 6.45
CA ASN A 283 4.45 -18.81 6.26
C ASN A 283 3.74 -19.91 5.47
N THR A 284 3.68 -19.70 4.15
CA THR A 284 2.98 -20.63 3.26
C THR A 284 3.45 -20.34 1.84
N GLY A 285 2.99 -21.18 0.91
CA GLY A 285 3.33 -20.99 -0.49
C GLY A 285 4.83 -21.02 -0.74
N VAL A 286 5.31 -20.00 -1.46
CA VAL A 286 6.70 -20.01 -1.92
C VAL A 286 7.65 -20.14 -0.73
N ILE A 287 7.32 -19.52 0.40
CA ILE A 287 8.18 -19.64 1.56
C ILE A 287 8.39 -21.11 1.93
N LYS A 288 7.28 -21.85 2.08
CA LYS A 288 7.40 -23.27 2.38
C LYS A 288 8.13 -24.00 1.27
N ARG A 289 7.89 -23.61 0.00
CA ARG A 289 8.58 -24.29 -1.08
C ARG A 289 10.08 -24.12 -0.94
N ILE A 290 10.53 -22.91 -0.58
CA ILE A 290 11.95 -22.69 -0.41
C ILE A 290 12.51 -23.61 0.66
N GLU A 291 11.77 -23.77 1.74
CA GLU A 291 12.30 -24.55 2.85
C GLU A 291 12.31 -26.02 2.53
N GLU A 292 11.48 -26.46 1.57
CA GLU A 292 11.53 -27.85 1.15
C GLU A 292 12.64 -28.10 0.14
N GLY A 293 13.26 -27.04 -0.37
CA GLY A 293 14.17 -27.21 -1.47
C GLY A 293 13.49 -27.30 -2.81
N ASN A 294 12.24 -26.83 -2.91
CA ASN A 294 11.51 -26.76 -4.16
C ASN A 294 11.26 -25.32 -4.58
N ALA A 295 12.25 -24.46 -4.43
CA ALA A 295 12.04 -23.06 -4.75
C ALA A 295 11.76 -22.90 -6.25
N PRO A 296 10.79 -22.08 -6.63
CA PRO A 296 10.62 -21.76 -8.05
C PRO A 296 11.91 -21.20 -8.62
N LYS A 297 12.12 -21.44 -9.91
CA LYS A 297 13.31 -20.93 -10.57
C LYS A 297 13.24 -19.41 -10.65
N ILE A 298 14.38 -18.76 -10.50
CA ILE A 298 14.48 -17.31 -10.55
C ILE A 298 15.18 -16.90 -11.84
N ALA A 299 14.57 -15.99 -12.58
CA ALA A 299 15.18 -15.38 -13.76
C ALA A 299 14.38 -14.12 -14.05
N CYS A 300 15.03 -12.97 -13.96
CA CYS A 300 14.31 -11.70 -13.93
C CYS A 300 13.65 -11.44 -15.27
N VAL A 301 12.31 -11.46 -15.28
CA VAL A 301 11.51 -11.13 -16.45
C VAL A 301 10.85 -9.77 -16.31
N SER A 302 10.22 -9.49 -15.16
CA SER A 302 9.45 -8.27 -14.96
C SER A 302 10.30 -7.05 -14.54
N ASN A 303 11.54 -7.24 -14.09
CA ASN A 303 12.42 -6.13 -13.66
C ASN A 303 11.64 -5.14 -12.78
N CYS A 304 11.13 -5.65 -11.66
CA CYS A 304 10.10 -4.92 -10.93
C CYS A 304 10.66 -3.86 -9.97
N VAL A 305 11.87 -4.03 -9.45
CA VAL A 305 12.41 -3.08 -8.48
C VAL A 305 13.88 -2.83 -8.74
N ALA A 306 14.30 -1.58 -8.52
CA ALA A 306 15.69 -1.19 -8.74
C ALA A 306 16.66 -1.85 -7.76
N PRO A 307 16.40 -1.90 -6.44
CA PRO A 307 17.39 -2.51 -5.53
C PRO A 307 17.75 -3.96 -5.86
N CYS A 308 16.86 -4.72 -6.51
CA CYS A 308 17.18 -6.11 -6.83
C CYS A 308 18.33 -6.24 -7.81
N ASN A 309 18.49 -5.27 -8.71
CA ASN A 309 19.47 -5.36 -9.79
C ASN A 309 19.22 -6.61 -10.64
N ARG A 310 18.00 -6.70 -11.17
CA ARG A 310 17.63 -7.68 -12.19
C ARG A 310 17.91 -9.12 -11.74
N GLY A 311 17.67 -9.41 -10.46
CA GLY A 311 17.73 -10.77 -9.94
C GLY A 311 18.83 -11.02 -8.93
N GLU A 312 19.82 -10.12 -8.81
CA GLU A 312 20.91 -10.32 -7.85
C GLU A 312 20.37 -10.60 -6.45
N GLU A 313 19.53 -9.68 -5.95
CA GLU A 313 19.05 -9.82 -4.57
C GLU A 313 17.95 -10.86 -4.46
N ALA A 314 17.16 -11.03 -5.52
CA ALA A 314 16.17 -12.11 -5.53
C ALA A 314 16.84 -13.46 -5.36
N LYS A 315 17.97 -13.67 -6.06
CA LYS A 315 18.69 -14.92 -5.90
C LYS A 315 19.26 -15.04 -4.49
N LYS A 316 19.74 -13.92 -3.93
CA LYS A 316 20.32 -14.00 -2.58
C LYS A 316 19.27 -14.31 -1.52
N VAL A 317 18.11 -13.65 -1.56
CA VAL A 317 17.10 -13.88 -0.53
C VAL A 317 16.29 -15.13 -0.82
N GLY A 318 16.26 -15.59 -2.07
CA GLY A 318 15.68 -16.87 -2.43
C GLY A 318 14.40 -16.81 -3.25
N TYR A 319 13.85 -15.63 -3.50
CA TYR A 319 12.60 -15.58 -4.23
C TYR A 319 12.47 -14.26 -4.97
N CYS A 320 11.66 -14.27 -6.03
CA CYS A 320 11.31 -13.10 -6.81
C CYS A 320 9.96 -12.59 -6.33
N ILE A 321 9.92 -11.34 -5.85
CA ILE A 321 8.69 -10.83 -5.23
C ILE A 321 7.60 -10.61 -6.28
N ALA A 322 7.98 -10.14 -7.47
CA ALA A 322 7.01 -9.98 -8.55
C ALA A 322 6.36 -11.31 -8.90
N ASP A 323 7.17 -12.33 -9.16
CA ASP A 323 6.65 -13.65 -9.52
C ASP A 323 5.72 -14.18 -8.45
N GLY A 324 6.10 -14.03 -7.18
CA GLY A 324 5.32 -14.62 -6.11
C GLY A 324 3.99 -13.92 -5.87
N LEU A 325 4.03 -12.58 -5.84
CA LEU A 325 2.77 -11.87 -5.60
C LEU A 325 1.84 -11.98 -6.81
N GLY A 326 2.40 -11.95 -8.02
CA GLY A 326 1.58 -12.19 -9.19
C GLY A 326 0.94 -13.56 -9.19
N ARG A 327 1.71 -14.60 -8.84
CA ARG A 327 1.14 -15.94 -8.75
C ARG A 327 0.00 -15.98 -7.73
N SER A 328 0.15 -15.25 -6.61
CA SER A 328 -0.95 -15.24 -5.65
C SER A 328 -2.21 -14.62 -6.23
N TYR A 329 -2.06 -13.50 -6.97
CA TYR A 329 -3.24 -12.88 -7.58
C TYR A 329 -3.92 -13.85 -8.53
N LEU A 330 -3.14 -14.64 -9.26
CA LEU A 330 -3.69 -15.58 -10.21
C LEU A 330 -4.20 -16.87 -9.56
N GLY A 331 -4.14 -16.98 -8.24
CA GLY A 331 -4.75 -18.10 -7.51
C GLY A 331 -3.83 -19.23 -7.10
N ASN A 332 -2.51 -19.07 -7.25
CA ASN A 332 -1.54 -20.14 -7.03
C ASN A 332 -1.26 -20.28 -5.53
N ARG A 333 -1.85 -21.31 -4.90
CA ARG A 333 -1.63 -21.52 -3.46
C ARG A 333 -0.27 -22.17 -3.20
N GLU A 334 0.26 -22.94 -4.14
CA GLU A 334 1.50 -23.67 -3.90
C GLU A 334 2.73 -22.78 -3.99
N GLU A 335 2.74 -21.82 -4.92
CA GLU A 335 3.93 -21.02 -5.19
C GLU A 335 3.70 -19.53 -4.98
N GLY A 336 2.50 -19.12 -4.58
CA GLY A 336 2.25 -17.72 -4.35
C GLY A 336 2.90 -17.20 -3.09
N LEU A 337 3.15 -15.90 -3.07
CA LEU A 337 3.62 -15.21 -1.88
C LEU A 337 2.47 -14.41 -1.29
N TYR A 338 2.37 -14.44 0.05
CA TYR A 338 1.22 -13.87 0.74
C TYR A 338 1.71 -12.98 1.88
N PHE A 339 1.18 -11.75 1.93
CA PHE A 339 1.53 -10.74 2.93
C PHE A 339 0.37 -10.52 3.90
N THR A 340 0.69 -9.91 5.04
CA THR A 340 -0.29 -9.61 6.07
C THR A 340 0.29 -8.62 7.07
N GLY A 341 -0.58 -7.81 7.66
CA GLY A 341 -0.18 -7.09 8.85
C GLY A 341 -0.08 -8.04 10.03
N ALA A 342 0.55 -7.56 11.10
CA ALA A 342 0.66 -8.37 12.33
C ALA A 342 -0.70 -8.86 12.81
N ASN A 343 -1.75 -8.09 12.57
CA ASN A 343 -3.10 -8.40 13.03
C ASN A 343 -3.83 -9.44 12.17
N GLY A 344 -3.19 -10.00 11.14
CA GLY A 344 -3.90 -10.88 10.21
C GLY A 344 -4.59 -12.06 10.86
N TYR A 345 -4.00 -12.61 11.93
CA TYR A 345 -4.59 -13.76 12.60
C TYR A 345 -5.91 -13.45 13.29
N ARG A 346 -6.23 -12.17 13.49
CA ARG A 346 -7.51 -11.81 14.09
C ARG A 346 -8.67 -11.82 13.09
N VAL A 347 -8.41 -12.12 11.83
CA VAL A 347 -9.48 -12.22 10.84
C VAL A 347 -10.16 -13.59 11.02
N ASP A 348 -11.43 -13.56 11.39
CA ASP A 348 -12.24 -14.78 11.46
C ASP A 348 -13.23 -14.78 10.30
N LYS A 349 -14.26 -13.94 10.33
CA LYS A 349 -15.24 -13.89 9.26
C LYS A 349 -14.75 -12.96 8.15
N ILE A 350 -15.05 -13.33 6.91
CA ILE A 350 -14.88 -12.45 5.77
C ILE A 350 -16.15 -11.62 5.63
N ILE A 351 -16.04 -10.30 5.81
CA ILE A 351 -17.19 -9.42 5.82
C ILE A 351 -17.12 -8.47 4.62
N SER A 352 -18.22 -7.76 4.37
CA SER A 352 -18.24 -6.80 3.27
C SER A 352 -17.56 -5.50 3.65
N VAL A 353 -17.05 -4.78 2.64
CA VAL A 353 -16.55 -3.43 2.84
C VAL A 353 -17.57 -2.57 3.55
N HIS A 354 -18.85 -2.69 3.17
CA HIS A 354 -19.87 -1.83 3.77
C HIS A 354 -20.01 -2.09 5.26
N GLU A 355 -20.05 -3.37 5.65
CA GLU A 355 -20.18 -3.67 7.07
C GLU A 355 -18.93 -3.27 7.83
N LEU A 356 -17.74 -3.39 7.21
CA LEU A 356 -16.52 -2.99 7.89
C LEU A 356 -16.48 -1.50 8.14
N ILE A 357 -16.83 -0.68 7.13
CA ILE A 357 -16.90 0.76 7.36
C ILE A 357 -17.95 1.10 8.40
N LYS A 358 -19.10 0.40 8.38
CA LYS A 358 -20.09 0.61 9.43
C LYS A 358 -19.47 0.37 10.81
N GLU A 359 -18.76 -0.75 10.96
CA GLU A 359 -18.11 -1.04 12.23
C GLU A 359 -17.15 0.06 12.63
N LEU A 360 -16.37 0.56 11.68
CA LEU A 360 -15.30 1.48 12.00
C LEU A 360 -15.80 2.89 12.26
N THR A 361 -16.97 3.27 11.72
CA THR A 361 -17.42 4.65 11.79
C THR A 361 -18.64 4.88 12.67
N GLU A 362 -19.39 3.83 13.00
CA GLU A 362 -20.61 4.03 13.77
C GLU A 362 -20.31 4.66 15.13
N GLY A 363 -21.06 5.71 15.46
CA GLY A 363 -20.87 6.39 16.74
C GLY A 363 -19.76 7.43 16.66
#